data_2KZD
#
_entry.id   2KZD
#
_entity_poly.entity_id   1
_entity_poly.type   'polydeoxyribonucleotide'
_entity_poly.pdbx_seq_one_letter_code
;(DA)(DG)(DG)(DG)(DI)(DA)(DG)(DG)(DG)(DG)(DC)(DT)(DG)(DG)(DG)(DA)(DG)(DG)(DG)(DC)
;
_entity_poly.pdbx_strand_id   A
#